data_2E4Z
#
_entry.id   2E4Z
#
_cell.length_a   92.431
_cell.length_b   92.431
_cell.length_c   114.332
_cell.angle_alpha   90.00
_cell.angle_beta   90.00
_cell.angle_gamma   120.00
#
_symmetry.space_group_name_H-M   'P 31 2 1'
#
loop_
_entity.id
_entity.type
_entity.pdbx_description
1 polymer 'Metabotropic glutamate receptor 7'
2 non-polymer '2-(N-MORPHOLINO)-ETHANESULFONIC ACID'
#
_entity_poly.entity_id   1
_entity_poly.type   'polypeptide(L)'
_entity_poly.pdbx_seq_one_letter_code
;RGQEMYAPHSIRIEGDVTLGGLFPVHAKGPSGVPCGDIKRENGIHRLEAMLYALDQINSDPNLLPNVTLGARILDTCSRD
TYALEQSLTFVQALIQKDTSDVRCTNGEPPVFVKPEKVVGVIGASGSSVSIMVANILRLFQIPQISYASTAPELSDDRRY
DFFSRVVPPDSFQAQAMVDIVKALGWNYVSTLASEGSYGEKGVESFTQISKEAGGLCIAQSVRIPQERKDRTIDFDRIIK
QLLDTPNSRAVVIFANDEDIKQILAAAKRADQVGHFLWVGSDSWGSKINPLHQHEDIAEGAITIQPKRATVEGFDAYFTS
RTLENNRRNVWFAEYWEENFNCKLTISGSKKEDTDRKCTGQERIGKDSNYEQEGKVQFVIDAVYAMAHALHHMNKDLCAD
YRGVCPEMEQAGGKKLLKYIRHVNFNGSAGTPVMFNKNGDAPGRYDIFQYQTTNTTNPGYRLIGQWTDELQLNIEDMQWG
KGVREIPSSLVPRGSHHHHHH
;
_entity_poly.pdbx_strand_id   A
#
loop_
_chem_comp.id
_chem_comp.type
_chem_comp.name
_chem_comp.formula
MES non-polymer '2-(N-MORPHOLINO)-ETHANESULFONIC ACID' 'C6 H13 N O4 S'
#
# COMPACT_ATOMS: atom_id res chain seq x y z
N PRO A 8 -26.97 -4.29 9.22
CA PRO A 8 -25.60 -4.88 9.01
C PRO A 8 -24.59 -3.81 8.60
N HIS A 9 -23.58 -3.57 9.45
CA HIS A 9 -22.59 -2.52 9.19
C HIS A 9 -21.17 -3.07 8.95
N SER A 10 -21.06 -4.39 8.78
CA SER A 10 -19.77 -5.05 8.64
C SER A 10 -19.86 -6.47 8.09
N ILE A 11 -18.71 -7.04 7.74
CA ILE A 11 -18.59 -8.45 7.44
C ILE A 11 -18.12 -9.22 8.68
N ARG A 12 -18.87 -10.27 9.05
CA ARG A 12 -18.52 -11.07 10.22
C ARG A 12 -18.49 -12.58 9.93
N ILE A 13 -17.28 -13.09 9.72
CA ILE A 13 -17.07 -14.52 9.68
C ILE A 13 -16.63 -15.00 11.06
N GLU A 14 -17.28 -16.04 11.54
CA GLU A 14 -17.01 -16.56 12.88
C GLU A 14 -15.80 -17.51 12.85
N GLY A 15 -15.05 -17.51 13.95
CA GLY A 15 -13.86 -18.35 14.08
C GLY A 15 -13.34 -18.39 15.51
N ASP A 16 -12.63 -19.46 15.84
CA ASP A 16 -12.05 -19.62 17.18
C ASP A 16 -11.35 -18.34 17.63
N VAL A 17 -10.69 -17.71 16.67
CA VAL A 17 -9.98 -16.45 16.86
C VAL A 17 -10.39 -15.56 15.69
N THR A 18 -10.52 -14.26 15.94
CA THR A 18 -11.05 -13.37 14.91
C THR A 18 -10.06 -12.25 14.57
N LEU A 19 -9.91 -12.01 13.27
CA LEU A 19 -8.99 -11.00 12.75
C LEU A 19 -9.74 -9.74 12.34
N GLY A 20 -9.27 -8.60 12.81
CA GLY A 20 -9.90 -7.33 12.50
C GLY A 20 -9.55 -6.82 11.12
N GLY A 21 -10.53 -6.20 10.45
CA GLY A 21 -10.30 -5.61 9.15
C GLY A 21 -10.79 -4.19 9.03
N LEU A 22 -9.97 -3.32 8.41
CA LEU A 22 -10.35 -1.94 8.15
C LEU A 22 -9.94 -1.55 6.75
N PHE A 23 -10.93 -1.43 5.87
CA PHE A 23 -10.67 -1.10 4.48
C PHE A 23 -11.42 0.16 4.08
N PRO A 24 -10.86 0.92 3.13
CA PRO A 24 -11.52 2.11 2.60
C PRO A 24 -12.55 1.76 1.53
N VAL A 25 -13.56 0.98 1.90
CA VAL A 25 -14.61 0.55 0.96
C VAL A 25 -15.19 1.76 0.25
N HIS A 26 -15.48 2.81 1.03
CA HIS A 26 -16.07 4.03 0.52
C HIS A 26 -15.08 5.21 0.55
N ALA A 27 -15.18 6.07 -0.46
CA ALA A 27 -14.31 7.24 -0.55
C ALA A 27 -14.72 8.25 0.51
N LYS A 28 -13.82 9.18 0.81
CA LYS A 28 -14.12 10.24 1.77
C LYS A 28 -15.16 11.17 1.16
N GLY A 29 -16.40 11.05 1.65
CA GLY A 29 -17.51 11.87 1.19
C GLY A 29 -17.30 13.36 1.40
N PRO A 30 -18.21 14.18 0.87
CA PRO A 30 -18.11 15.64 1.02
C PRO A 30 -18.26 16.09 2.48
N SER A 31 -18.06 17.38 2.72
CA SER A 31 -18.17 17.95 4.06
C SER A 31 -19.57 17.70 4.65
N GLY A 32 -19.60 16.93 5.74
CA GLY A 32 -20.85 16.56 6.39
C GLY A 32 -21.19 15.11 6.18
N VAL A 33 -21.17 14.69 4.92
CA VAL A 33 -21.42 13.30 4.53
C VAL A 33 -20.18 12.46 4.83
N PRO A 34 -20.34 11.43 5.69
CA PRO A 34 -19.22 10.63 6.16
C PRO A 34 -18.61 9.72 5.08
N CYS A 35 -19.46 8.99 4.35
CA CYS A 35 -18.97 8.07 3.33
C CYS A 35 -19.34 8.52 1.92
N GLY A 36 -18.38 8.43 1.02
CA GLY A 36 -18.61 8.75 -0.38
C GLY A 36 -18.98 7.52 -1.21
N ASP A 37 -18.63 7.57 -2.50
CA ASP A 37 -18.85 6.47 -3.43
C ASP A 37 -18.01 5.26 -3.03
N ILE A 38 -18.30 4.11 -3.65
CA ILE A 38 -17.47 2.93 -3.46
C ILE A 38 -16.20 3.07 -4.29
N LYS A 39 -15.09 2.54 -3.77
CA LYS A 39 -13.84 2.50 -4.54
C LYS A 39 -13.34 1.07 -4.72
N ARG A 40 -13.48 0.58 -5.95
CA ARG A 40 -13.29 -0.82 -6.30
C ARG A 40 -11.89 -1.34 -5.97
N GLU A 41 -10.90 -0.85 -6.73
CA GLU A 41 -9.51 -1.32 -6.62
C GLU A 41 -8.94 -1.18 -5.21
N ASN A 42 -9.32 -0.12 -4.50
CA ASN A 42 -8.72 0.20 -3.21
C ASN A 42 -9.49 -0.26 -1.98
N GLY A 43 -10.79 -0.49 -2.15
CA GLY A 43 -11.67 -0.86 -1.06
C GLY A 43 -12.28 -2.24 -1.19
N ILE A 44 -12.89 -2.53 -2.34
CA ILE A 44 -13.51 -3.83 -2.59
C ILE A 44 -12.45 -4.92 -2.85
N HIS A 45 -11.47 -4.61 -3.70
CA HIS A 45 -10.41 -5.56 -4.05
C HIS A 45 -9.59 -5.96 -2.85
N ARG A 46 -9.00 -4.97 -2.18
CA ARG A 46 -8.15 -5.19 -1.02
C ARG A 46 -8.92 -5.92 0.07
N LEU A 47 -10.19 -5.54 0.20
CA LEU A 47 -11.12 -6.20 1.12
C LEU A 47 -11.21 -7.69 0.77
N GLU A 48 -11.55 -7.96 -0.47
CA GLU A 48 -11.77 -9.31 -0.97
C GLU A 48 -10.51 -10.16 -0.83
N ALA A 49 -9.36 -9.49 -0.89
CA ALA A 49 -8.07 -10.15 -0.75
C ALA A 49 -7.92 -10.80 0.62
N MET A 50 -8.28 -10.07 1.68
CA MET A 50 -8.25 -10.60 3.04
C MET A 50 -9.12 -11.85 3.16
N LEU A 51 -10.35 -11.75 2.66
CA LEU A 51 -11.29 -12.87 2.66
C LEU A 51 -10.65 -14.07 1.96
N TYR A 52 -10.08 -13.81 0.79
CA TYR A 52 -9.34 -14.83 0.04
C TYR A 52 -8.16 -15.37 0.87
N ALA A 53 -7.44 -14.49 1.55
CA ALA A 53 -6.24 -14.90 2.28
C ALA A 53 -6.59 -15.80 3.45
N LEU A 54 -7.67 -15.43 4.16
CA LEU A 54 -8.16 -16.14 5.33
C LEU A 54 -8.73 -17.50 4.94
N ASP A 55 -9.33 -17.56 3.76
CA ASP A 55 -9.81 -18.81 3.18
C ASP A 55 -8.69 -19.84 3.06
N GLN A 56 -7.57 -19.40 2.49
CA GLN A 56 -6.42 -20.25 2.28
C GLN A 56 -5.84 -20.74 3.61
N ILE A 57 -5.77 -19.85 4.60
CA ILE A 57 -5.24 -20.17 5.92
C ILE A 57 -6.14 -21.19 6.60
N ASN A 58 -7.44 -20.93 6.55
CA ASN A 58 -8.43 -21.81 7.16
C ASN A 58 -8.52 -23.18 6.49
N SER A 59 -8.03 -23.25 5.24
CA SER A 59 -8.00 -24.51 4.50
C SER A 59 -6.63 -25.18 4.57
N ASP A 60 -5.61 -24.41 4.98
CA ASP A 60 -4.25 -24.90 5.16
C ASP A 60 -4.14 -25.88 6.35
N PRO A 61 -3.85 -27.14 6.06
CA PRO A 61 -3.71 -28.15 7.11
C PRO A 61 -2.35 -28.08 7.81
N ASN A 62 -1.42 -27.31 7.25
CA ASN A 62 -0.08 -27.16 7.82
C ASN A 62 0.05 -25.94 8.71
N LEU A 63 -0.91 -25.01 8.57
CA LEU A 63 -0.91 -23.76 9.32
C LEU A 63 -2.22 -23.58 10.09
N LEU A 64 -2.10 -23.37 11.40
CA LEU A 64 -3.25 -23.27 12.30
C LEU A 64 -4.22 -24.43 12.06
N PRO A 65 -3.74 -25.65 12.29
CA PRO A 65 -4.45 -26.86 11.82
C PRO A 65 -5.76 -27.15 12.55
N ASN A 66 -5.86 -26.71 13.81
CA ASN A 66 -7.05 -26.95 14.63
C ASN A 66 -7.68 -25.66 15.17
N VAL A 67 -7.11 -24.53 14.74
CA VAL A 67 -7.55 -23.20 15.17
C VAL A 67 -8.06 -22.42 13.96
N THR A 68 -9.39 -22.33 13.82
CA THR A 68 -10.00 -21.61 12.71
C THR A 68 -9.94 -20.10 12.93
N LEU A 69 -9.69 -19.35 11.86
CA LEU A 69 -9.64 -17.88 11.93
C LEU A 69 -10.92 -17.23 11.44
N GLY A 70 -11.44 -16.31 12.25
CA GLY A 70 -12.61 -15.53 11.90
C GLY A 70 -12.25 -14.14 11.40
N ALA A 71 -13.26 -13.41 10.95
CA ALA A 71 -13.06 -12.09 10.36
C ALA A 71 -14.11 -11.10 10.83
N ARG A 72 -13.69 -9.88 11.07
CA ARG A 72 -14.60 -8.80 11.38
C ARG A 72 -14.15 -7.53 10.65
N ILE A 73 -14.25 -7.58 9.32
CA ILE A 73 -13.88 -6.48 8.45
C ILE A 73 -14.82 -5.30 8.60
N LEU A 74 -14.27 -4.09 8.54
CA LEU A 74 -15.03 -2.87 8.77
C LEU A 74 -14.67 -1.75 7.81
N ASP A 75 -15.62 -0.85 7.57
CA ASP A 75 -15.43 0.25 6.62
C ASP A 75 -14.69 1.44 7.21
N THR A 76 -13.52 1.71 6.67
CA THR A 76 -12.75 2.88 7.05
C THR A 76 -13.43 4.16 6.57
N CYS A 77 -14.03 4.09 5.38
CA CYS A 77 -14.65 5.24 4.73
C CYS A 77 -13.66 6.39 4.48
N SER A 78 -12.38 6.02 4.47
CA SER A 78 -11.27 6.93 4.18
C SER A 78 -11.17 8.12 5.14
N ARG A 79 -11.59 7.92 6.38
CA ARG A 79 -11.60 8.97 7.40
C ARG A 79 -11.15 8.46 8.76
N ASP A 80 -10.22 9.19 9.38
CA ASP A 80 -9.64 8.85 10.69
C ASP A 80 -10.69 8.72 11.78
N THR A 81 -11.46 9.80 12.01
CA THR A 81 -12.54 9.78 12.99
C THR A 81 -13.46 8.58 12.76
N TYR A 82 -13.85 8.35 11.51
CA TYR A 82 -14.78 7.28 11.15
C TYR A 82 -14.22 5.91 11.48
N ALA A 83 -12.95 5.68 11.12
CA ALA A 83 -12.31 4.39 11.36
C ALA A 83 -12.02 4.17 12.85
N LEU A 84 -11.86 5.26 13.59
CA LEU A 84 -11.59 5.23 15.02
C LEU A 84 -12.78 4.70 15.79
N GLU A 85 -13.96 5.26 15.51
CA GLU A 85 -15.22 4.80 16.07
C GLU A 85 -15.57 3.42 15.52
N GLN A 86 -15.08 3.13 14.32
CA GLN A 86 -15.26 1.82 13.70
C GLN A 86 -14.39 0.75 14.37
N SER A 87 -13.29 1.19 15.00
CA SER A 87 -12.36 0.28 15.65
C SER A 87 -12.87 -0.18 17.01
N LEU A 88 -13.90 0.47 17.53
CA LEU A 88 -14.42 0.14 18.86
C LEU A 88 -15.03 -1.25 18.92
N THR A 89 -15.37 -1.79 17.75
CA THR A 89 -15.94 -3.13 17.65
C THR A 89 -14.88 -4.19 17.90
N PHE A 90 -13.63 -3.84 17.60
CA PHE A 90 -12.49 -4.70 17.94
C PHE A 90 -12.22 -4.70 19.44
N VAL A 91 -13.15 -4.14 20.21
CA VAL A 91 -13.04 -4.08 21.67
C VAL A 91 -14.42 -4.33 22.30
N GLN A 92 -15.39 -4.60 21.44
CA GLN A 92 -16.77 -4.87 21.83
C GLN A 92 -16.93 -6.04 22.81
N ALA A 93 -15.90 -6.88 22.87
CA ALA A 93 -15.87 -8.04 23.76
C ALA A 93 -15.61 -7.65 25.21
N LEU A 94 -14.95 -6.51 25.41
CA LEU A 94 -14.51 -6.13 26.74
C LEU A 94 -15.62 -5.60 27.64
N ILE A 95 -16.82 -5.51 27.07
CA ILE A 95 -18.04 -5.19 27.84
C ILE A 95 -19.23 -6.09 27.45
N GLN A 96 -19.98 -6.50 28.47
CA GLN A 96 -21.21 -7.28 28.28
C GLN A 96 -22.38 -6.63 29.01
N LYS A 114 -22.88 -13.97 19.98
CA LYS A 114 -21.63 -14.65 20.29
C LYS A 114 -20.48 -13.64 20.36
N PRO A 115 -19.73 -13.66 21.45
CA PRO A 115 -18.67 -12.67 21.69
C PRO A 115 -17.46 -12.90 20.79
N GLU A 116 -16.86 -11.80 20.32
CA GLU A 116 -15.73 -11.87 19.40
C GLU A 116 -14.38 -11.60 20.10
N LYS A 117 -13.47 -12.55 19.98
CA LYS A 117 -12.14 -12.43 20.56
C LYS A 117 -11.13 -11.95 19.52
N VAL A 118 -11.19 -10.66 19.21
CA VAL A 118 -10.27 -10.05 18.26
C VAL A 118 -8.83 -10.15 18.78
N VAL A 119 -7.94 -10.60 17.91
CA VAL A 119 -6.57 -10.95 18.29
C VAL A 119 -5.55 -9.98 17.68
N GLY A 120 -5.93 -9.35 16.57
CA GLY A 120 -5.06 -8.44 15.85
C GLY A 120 -5.85 -7.77 14.74
N VAL A 121 -5.30 -6.72 14.15
CA VAL A 121 -6.04 -5.97 13.14
C VAL A 121 -5.20 -5.68 11.91
N ILE A 122 -5.76 -6.02 10.74
CA ILE A 122 -5.14 -5.72 9.45
C ILE A 122 -5.30 -4.23 9.13
N GLY A 123 -4.26 -3.49 9.53
CA GLY A 123 -4.25 -2.02 9.63
C GLY A 123 -4.61 -1.31 8.35
N ALA A 124 -5.09 -0.08 8.48
CA ALA A 124 -5.78 0.55 7.36
C ALA A 124 -4.89 1.17 6.28
N SER A 125 -5.41 1.14 5.05
CA SER A 125 -4.90 1.94 3.93
C SER A 125 -5.09 3.42 4.25
N GLY A 126 -4.00 4.17 4.25
CA GLY A 126 -4.04 5.57 4.61
C GLY A 126 -3.53 5.80 6.02
N SER A 127 -2.33 6.40 6.10
CA SER A 127 -1.57 6.50 7.34
C SER A 127 -2.27 7.33 8.41
N SER A 128 -2.84 8.46 7.99
CA SER A 128 -3.60 9.36 8.89
C SER A 128 -4.75 8.62 9.57
N VAL A 129 -5.33 7.65 8.84
CA VAL A 129 -6.32 6.75 9.40
C VAL A 129 -5.58 5.73 10.28
N SER A 130 -4.54 5.12 9.71
CA SER A 130 -3.80 4.05 10.40
C SER A 130 -3.31 4.52 11.77
N ILE A 131 -2.83 5.76 11.86
CA ILE A 131 -2.41 6.32 13.14
C ILE A 131 -3.58 6.38 14.11
N MET A 132 -4.72 6.87 13.63
CA MET A 132 -5.90 7.04 14.48
C MET A 132 -6.34 5.73 15.09
N VAL A 133 -6.18 4.65 14.31
CA VAL A 133 -6.51 3.31 14.75
C VAL A 133 -5.40 2.75 15.63
N ALA A 134 -4.15 2.98 15.21
CA ALA A 134 -2.99 2.57 15.99
C ALA A 134 -2.93 3.29 17.33
N ASN A 135 -4.05 3.89 17.74
CA ASN A 135 -4.12 4.60 19.00
C ASN A 135 -5.05 3.94 20.03
N ILE A 136 -6.15 3.35 19.56
CA ILE A 136 -7.01 2.59 20.47
C ILE A 136 -6.42 1.20 20.70
N LEU A 137 -5.98 0.56 19.63
CA LEU A 137 -5.41 -0.78 19.73
C LEU A 137 -4.10 -0.80 20.53
N ARG A 138 -3.33 0.28 20.44
CA ARG A 138 -2.16 0.45 21.28
C ARG A 138 -2.62 0.34 22.73
N LEU A 139 -3.72 1.01 23.07
CA LEU A 139 -4.22 1.02 24.44
C LEU A 139 -4.79 -0.33 24.90
N PHE A 140 -5.28 -1.13 23.96
CA PHE A 140 -5.87 -2.44 24.27
C PHE A 140 -4.91 -3.54 23.91
N GLN A 141 -3.63 -3.20 23.86
CA GLN A 141 -2.57 -4.13 23.49
C GLN A 141 -2.94 -5.04 22.29
N ILE A 142 -3.77 -4.52 21.39
CA ILE A 142 -4.11 -5.19 20.13
C ILE A 142 -3.06 -4.88 19.06
N PRO A 143 -2.37 -5.89 18.59
CA PRO A 143 -1.36 -5.71 17.54
C PRO A 143 -2.02 -5.48 16.19
N GLN A 144 -1.34 -4.75 15.32
CA GLN A 144 -1.92 -4.37 14.02
C GLN A 144 -0.89 -4.40 12.90
N ILE A 145 -1.33 -4.90 11.74
CA ILE A 145 -0.47 -4.97 10.56
C ILE A 145 -1.11 -4.27 9.37
N SER A 146 -0.59 -3.09 9.03
CA SER A 146 -1.06 -2.36 7.86
C SER A 146 -0.55 -3.00 6.57
N TYR A 147 -1.17 -2.64 5.45
CA TYR A 147 -0.81 -3.19 4.14
C TYR A 147 -0.46 -2.07 3.17
N ALA A 148 -0.74 -0.83 3.53
CA ALA A 148 -0.60 0.28 2.59
C ALA A 148 0.05 1.53 3.18
N SER A 149 0.02 1.68 4.51
CA SER A 149 0.49 2.90 5.15
C SER A 149 2.01 2.97 5.14
N THR A 150 2.54 3.99 4.48
CA THR A 150 3.98 4.11 4.34
C THR A 150 4.55 5.39 4.94
N ALA A 151 3.72 6.16 5.62
CA ALA A 151 4.19 7.38 6.28
C ALA A 151 5.35 7.08 7.24
N PRO A 152 6.46 7.77 7.07
CA PRO A 152 7.65 7.54 7.90
C PRO A 152 7.39 7.81 9.38
N GLU A 153 6.25 8.45 9.67
CA GLU A 153 5.85 8.78 11.04
C GLU A 153 5.60 7.53 11.89
N LEU A 154 5.03 6.51 11.25
CA LEU A 154 4.56 5.33 11.96
C LEU A 154 5.68 4.39 12.42
N SER A 155 6.92 4.72 12.06
CA SER A 155 8.03 3.86 12.40
C SER A 155 8.51 4.07 13.83
N ASP A 156 7.94 5.06 14.52
CA ASP A 156 8.24 5.29 15.93
C ASP A 156 7.60 4.18 16.75
N ASP A 157 8.37 3.13 17.02
CA ASP A 157 7.88 1.98 17.75
C ASP A 157 7.61 2.33 19.21
N ARG A 158 7.82 3.59 19.60
CA ARG A 158 7.45 4.03 20.94
C ARG A 158 6.03 4.59 20.93
N ARG A 159 5.77 5.56 20.05
CA ARG A 159 4.44 6.13 19.87
C ARG A 159 3.47 5.12 19.26
N TYR A 160 4.00 4.22 18.44
CA TYR A 160 3.22 3.17 17.79
C TYR A 160 3.92 1.84 17.94
N ASP A 161 3.85 1.25 19.14
CA ASP A 161 4.57 0.02 19.44
C ASP A 161 3.88 -1.27 19.03
N PHE A 162 2.57 -1.22 18.82
CA PHE A 162 1.81 -2.38 18.35
C PHE A 162 1.58 -2.36 16.84
N PHE A 163 1.91 -1.24 16.21
CA PHE A 163 1.81 -1.09 14.77
C PHE A 163 2.99 -1.74 14.06
N SER A 164 2.69 -2.36 12.91
CA SER A 164 3.70 -2.92 12.02
C SER A 164 3.18 -2.86 10.58
N ARG A 165 4.07 -2.72 9.60
CA ARG A 165 3.63 -2.60 8.21
C ARG A 165 4.30 -3.55 7.22
N VAL A 166 3.47 -4.25 6.46
CA VAL A 166 3.92 -5.26 5.52
C VAL A 166 4.48 -4.64 4.23
N VAL A 167 4.13 -3.37 3.99
CA VAL A 167 4.84 -2.52 3.05
C VAL A 167 5.98 -1.82 3.79
N PRO A 168 7.04 -1.43 3.08
CA PRO A 168 8.08 -0.58 3.69
C PRO A 168 7.62 0.87 3.80
N PRO A 169 8.28 1.69 4.63
CA PRO A 169 8.01 3.13 4.69
C PRO A 169 8.71 3.92 3.58
N ASP A 170 8.27 5.17 3.40
CA ASP A 170 8.80 6.04 2.36
C ASP A 170 10.23 6.47 2.63
N SER A 171 10.65 6.36 3.89
CA SER A 171 12.02 6.72 4.29
C SER A 171 13.06 5.87 3.54
N PHE A 172 12.80 4.56 3.49
CA PHE A 172 13.61 3.61 2.74
C PHE A 172 13.66 4.02 1.26
N GLN A 173 12.48 4.36 0.74
CA GLN A 173 12.30 4.81 -0.63
C GLN A 173 13.09 6.10 -0.90
N ALA A 174 13.07 7.00 0.08
CA ALA A 174 13.76 8.27 -0.03
C ALA A 174 15.28 8.08 -0.05
N GLN A 175 15.78 7.25 0.87
CA GLN A 175 17.21 6.91 0.93
C GLN A 175 17.67 6.25 -0.36
N ALA A 176 16.82 5.40 -0.93
CA ALA A 176 17.06 4.80 -2.23
C ALA A 176 17.19 5.88 -3.31
N MET A 177 16.28 6.84 -3.30
CA MET A 177 16.25 7.94 -4.28
C MET A 177 17.47 8.84 -4.13
N VAL A 178 17.86 9.10 -2.89
CA VAL A 178 19.06 9.89 -2.60
C VAL A 178 20.29 9.13 -3.07
N ASP A 179 20.28 7.82 -2.86
CA ASP A 179 21.38 6.95 -3.29
C ASP A 179 21.57 6.99 -4.81
N ILE A 180 20.46 6.89 -5.56
CA ILE A 180 20.48 7.00 -7.03
C ILE A 180 20.90 8.40 -7.50
N VAL A 181 20.35 9.43 -6.84
CA VAL A 181 20.72 10.81 -7.13
C VAL A 181 22.21 11.04 -6.85
N LYS A 182 22.69 10.46 -5.74
CA LYS A 182 24.10 10.61 -5.35
C LYS A 182 25.04 9.92 -6.32
N ALA A 183 24.59 8.80 -6.88
CA ALA A 183 25.45 7.97 -7.72
C ALA A 183 25.52 8.42 -9.19
N LEU A 184 24.69 9.37 -9.58
CA LEU A 184 24.69 9.86 -10.96
C LEU A 184 25.36 11.22 -11.13
N GLY A 185 25.93 11.72 -10.03
CA GLY A 185 26.62 13.00 -10.04
C GLY A 185 25.63 14.15 -10.14
N TRP A 186 24.65 14.15 -9.25
CA TRP A 186 23.66 15.21 -9.17
C TRP A 186 23.69 15.82 -7.79
N ASN A 187 24.20 17.05 -7.67
CA ASN A 187 24.16 17.75 -6.40
C ASN A 187 23.17 18.90 -6.39
N TYR A 188 22.41 19.03 -7.48
CA TYR A 188 21.35 20.01 -7.58
C TYR A 188 20.08 19.34 -8.07
N VAL A 189 19.19 19.01 -7.12
CA VAL A 189 17.95 18.32 -7.42
C VAL A 189 16.74 19.20 -7.11
N SER A 190 15.56 18.81 -7.61
CA SER A 190 14.30 19.48 -7.28
C SER A 190 13.26 18.47 -6.83
N THR A 191 12.29 18.91 -6.01
CA THR A 191 11.23 18.02 -5.55
C THR A 191 9.84 18.50 -6.00
N LEU A 192 8.93 17.55 -6.15
CA LEU A 192 7.57 17.84 -6.61
C LEU A 192 6.62 16.81 -6.03
N ALA A 193 6.03 17.16 -4.89
CA ALA A 193 5.17 16.25 -4.16
C ALA A 193 3.72 16.67 -4.23
N SER A 194 2.84 15.69 -4.46
CA SER A 194 1.40 15.94 -4.48
C SER A 194 0.88 16.34 -3.09
N GLU A 195 0.13 17.42 -3.02
CA GLU A 195 -0.40 17.91 -1.75
C GLU A 195 -1.28 16.86 -1.06
N GLY A 196 -0.82 16.41 0.10
CA GLY A 196 -1.51 15.38 0.87
C GLY A 196 -0.57 14.66 1.82
N SER A 197 -1.01 13.51 2.31
CA SER A 197 -0.19 12.71 3.21
C SER A 197 1.02 12.16 2.47
N TYR A 198 0.79 11.22 1.56
CA TYR A 198 1.85 10.49 0.86
C TYR A 198 2.92 11.38 0.25
N GLY A 199 2.49 12.45 -0.40
CA GLY A 199 3.38 13.35 -1.10
C GLY A 199 4.34 14.09 -0.17
N GLU A 200 3.78 14.87 0.74
CA GLU A 200 4.56 15.81 1.55
C GLU A 200 5.61 15.14 2.43
N LYS A 201 5.14 14.29 3.35
CA LYS A 201 6.01 13.68 4.35
C LYS A 201 7.12 12.81 3.73
N GLY A 202 6.84 12.27 2.53
CA GLY A 202 7.81 11.47 1.80
C GLY A 202 8.92 12.31 1.23
N VAL A 203 8.55 13.43 0.61
CA VAL A 203 9.48 14.42 0.09
C VAL A 203 10.30 15.08 1.22
N GLU A 204 9.67 15.19 2.38
CA GLU A 204 10.35 15.66 3.58
C GLU A 204 11.46 14.70 3.94
N SER A 205 11.15 13.40 3.95
CA SER A 205 12.16 12.37 4.23
C SER A 205 13.37 12.59 3.33
N PHE A 206 13.13 12.66 2.02
CA PHE A 206 14.17 12.96 1.04
C PHE A 206 14.99 14.19 1.43
N THR A 207 14.30 15.29 1.70
CA THR A 207 14.95 16.52 2.16
C THR A 207 15.91 16.24 3.31
N GLN A 208 15.41 15.56 4.34
CA GLN A 208 16.19 15.25 5.53
C GLN A 208 17.32 14.28 5.22
N ILE A 209 17.02 13.28 4.38
CA ILE A 209 18.02 12.29 3.99
C ILE A 209 19.06 12.92 3.08
N SER A 210 18.68 14.02 2.42
CA SER A 210 19.61 14.81 1.62
C SER A 210 20.48 15.68 2.52
N LYS A 211 19.85 16.29 3.52
CA LYS A 211 20.54 17.11 4.51
C LYS A 211 21.57 16.28 5.28
N GLU A 212 21.15 15.12 5.76
CA GLU A 212 21.99 14.25 6.58
C GLU A 212 23.15 13.65 5.79
N ALA A 213 22.94 13.44 4.49
CA ALA A 213 23.90 12.72 3.66
C ALA A 213 25.06 13.59 3.19
N GLY A 214 24.96 14.07 1.96
CA GLY A 214 26.01 14.85 1.34
C GLY A 214 25.60 16.29 1.06
N GLY A 215 24.30 16.54 1.06
CA GLY A 215 23.77 17.85 0.76
C GLY A 215 23.66 18.11 -0.74
N LEU A 216 22.82 17.33 -1.41
CA LEU A 216 22.51 17.62 -2.80
C LEU A 216 21.43 18.71 -2.83
N CYS A 217 21.90 19.96 -2.73
CA CYS A 217 21.04 21.14 -2.62
C CYS A 217 19.73 21.02 -3.41
N ILE A 218 18.61 21.16 -2.69
CA ILE A 218 17.31 21.21 -3.33
C ILE A 218 17.06 22.65 -3.81
N ALA A 219 16.86 22.81 -5.11
CA ALA A 219 16.55 24.12 -5.68
C ALA A 219 15.19 24.62 -5.18
N GLN A 220 14.13 24.02 -5.69
CA GLN A 220 12.77 24.36 -5.26
C GLN A 220 12.05 23.11 -4.75
N SER A 221 11.03 23.33 -3.93
CA SER A 221 10.17 22.25 -3.45
C SER A 221 8.72 22.56 -3.81
N VAL A 222 8.33 22.18 -5.02
CA VAL A 222 7.00 22.50 -5.53
C VAL A 222 5.98 21.50 -5.02
N ARG A 223 4.93 22.02 -4.36
CA ARG A 223 3.83 21.18 -3.88
C ARG A 223 2.57 21.39 -4.73
N ILE A 224 2.22 20.38 -5.52
CA ILE A 224 1.09 20.44 -6.43
C ILE A 224 -0.18 19.83 -5.83
N PRO A 225 -1.25 20.63 -5.75
CA PRO A 225 -2.56 20.14 -5.28
C PRO A 225 -3.33 19.39 -6.35
N THR A 232 -5.07 22.05 -16.14
CA THR A 232 -3.70 21.98 -16.69
C THR A 232 -3.08 23.36 -16.89
N ILE A 233 -3.84 24.40 -16.55
CA ILE A 233 -3.31 25.77 -16.52
C ILE A 233 -2.31 25.90 -15.37
N ASP A 234 -2.66 25.34 -14.22
CA ASP A 234 -1.83 25.34 -13.02
C ASP A 234 -0.60 24.47 -13.19
N PHE A 235 -0.77 23.35 -13.88
CA PHE A 235 0.32 22.42 -14.15
C PHE A 235 1.38 23.03 -15.06
N ASP A 236 0.95 23.88 -16.00
CA ASP A 236 1.87 24.57 -16.88
C ASP A 236 2.65 25.63 -16.10
N ARG A 237 2.06 26.14 -15.02
CA ARG A 237 2.75 27.06 -14.13
C ARG A 237 3.77 26.33 -13.29
N ILE A 238 3.51 25.06 -13.00
CA ILE A 238 4.43 24.22 -12.23
C ILE A 238 5.74 24.03 -13.00
N ILE A 239 5.62 23.67 -14.27
CA ILE A 239 6.77 23.51 -15.13
C ILE A 239 7.46 24.87 -15.34
N LYS A 240 6.67 25.94 -15.33
CA LYS A 240 7.21 27.31 -15.42
C LYS A 240 8.03 27.66 -14.18
N GLN A 241 7.55 27.23 -13.01
CA GLN A 241 8.24 27.49 -11.75
C GLN A 241 9.45 26.59 -11.60
N LEU A 242 9.42 25.44 -12.26
CA LEU A 242 10.52 24.47 -12.19
C LEU A 242 11.67 24.86 -13.10
N LEU A 243 11.33 25.39 -14.28
CA LEU A 243 12.34 25.85 -15.23
C LEU A 243 12.99 27.15 -14.77
N ASP A 244 12.48 27.69 -13.67
CA ASP A 244 13.01 28.87 -13.00
C ASP A 244 14.41 28.62 -12.47
N THR A 245 14.68 27.36 -12.18
CA THR A 245 16.00 26.90 -11.77
C THR A 245 16.49 25.88 -12.80
N PRO A 246 16.90 26.36 -13.98
CA PRO A 246 17.18 25.48 -15.11
C PRO A 246 18.36 24.56 -14.85
N ASN A 247 19.15 24.90 -13.83
CA ASN A 247 20.24 24.07 -13.37
C ASN A 247 19.72 22.81 -12.68
N SER A 248 18.54 22.93 -12.05
CA SER A 248 17.88 21.78 -11.42
C SER A 248 17.39 20.77 -12.48
N ARG A 249 18.37 20.00 -12.95
CA ARG A 249 18.20 18.97 -13.96
C ARG A 249 17.15 17.93 -13.55
N ALA A 250 17.34 17.36 -12.36
CA ALA A 250 16.51 16.26 -11.86
C ALA A 250 15.38 16.72 -10.98
N VAL A 251 14.18 16.21 -11.24
CA VAL A 251 13.02 16.46 -10.39
C VAL A 251 12.58 15.16 -9.71
N VAL A 252 12.71 15.14 -8.38
CA VAL A 252 12.24 14.01 -7.56
C VAL A 252 10.74 14.15 -7.34
N ILE A 253 9.97 13.16 -7.80
CA ILE A 253 8.51 13.24 -7.79
C ILE A 253 7.89 12.28 -6.79
N PHE A 254 6.95 12.79 -6.00
CA PHE A 254 6.09 12.01 -5.12
C PHE A 254 4.64 12.42 -5.41
N ALA A 255 4.18 12.09 -6.61
CA ALA A 255 2.86 12.55 -7.08
C ALA A 255 1.82 11.44 -7.19
N ASN A 256 0.55 11.80 -7.06
CA ASN A 256 -0.54 10.85 -7.29
C ASN A 256 -0.61 10.45 -8.77
N ASP A 257 -1.29 9.33 -9.05
CA ASP A 257 -1.20 8.66 -10.36
C ASP A 257 -1.45 9.54 -11.59
N GLU A 258 -2.53 10.32 -11.56
CA GLU A 258 -2.83 11.26 -12.62
C GLU A 258 -1.91 12.50 -12.59
N ASP A 259 -1.49 12.91 -11.41
CA ASP A 259 -0.65 14.09 -11.23
C ASP A 259 0.67 14.01 -12.03
N ILE A 260 1.24 12.81 -12.12
CA ILE A 260 2.43 12.56 -12.95
C ILE A 260 2.06 12.79 -14.41
N LYS A 261 0.91 12.26 -14.82
CA LYS A 261 0.44 12.39 -16.20
C LYS A 261 0.21 13.85 -16.57
N GLN A 262 -0.28 14.62 -15.60
CA GLN A 262 -0.60 16.04 -15.80
C GLN A 262 0.62 16.97 -15.66
N ILE A 263 1.72 16.48 -15.08
CA ILE A 263 2.98 17.24 -15.09
C ILE A 263 3.72 17.01 -16.39
N LEU A 264 3.67 15.76 -16.86
CA LEU A 264 4.33 15.37 -18.08
C LEU A 264 3.73 16.12 -19.27
N ALA A 265 2.40 16.08 -19.38
CA ALA A 265 1.66 16.79 -20.43
C ALA A 265 1.97 18.28 -20.37
N ALA A 266 2.11 18.80 -19.16
CA ALA A 266 2.51 20.20 -18.96
C ALA A 266 3.93 20.47 -19.47
N ALA A 267 4.84 19.51 -19.27
CA ALA A 267 6.24 19.65 -19.64
C ALA A 267 6.51 19.46 -21.14
N LYS A 268 5.73 18.56 -21.76
CA LYS A 268 5.77 18.34 -23.21
C LYS A 268 5.23 19.56 -23.95
N ARG A 269 4.17 20.14 -23.40
CA ARG A 269 3.60 21.40 -23.90
C ARG A 269 4.64 22.50 -23.81
N ALA A 270 5.44 22.43 -22.74
CA ALA A 270 6.55 23.35 -22.53
C ALA A 270 7.74 23.00 -23.40
N ASP A 271 7.56 22.07 -24.34
CA ASP A 271 8.58 21.69 -25.32
C ASP A 271 9.91 21.30 -24.66
N GLN A 272 9.81 20.62 -23.52
CA GLN A 272 10.95 20.36 -22.64
C GLN A 272 11.44 18.91 -22.67
N VAL A 273 11.46 18.32 -23.86
CA VAL A 273 11.83 16.90 -24.03
C VAL A 273 13.30 16.66 -23.68
N GLY A 274 13.52 15.73 -22.75
CA GLY A 274 14.86 15.35 -22.34
C GLY A 274 15.62 16.40 -21.55
N HIS A 275 14.93 17.46 -21.12
CA HIS A 275 15.55 18.44 -20.22
C HIS A 275 15.47 17.99 -18.77
N PHE A 276 14.26 17.69 -18.29
CA PHE A 276 14.06 17.27 -16.91
C PHE A 276 14.54 15.84 -16.65
N LEU A 277 15.02 15.57 -15.45
CA LEU A 277 15.45 14.23 -15.09
C LEU A 277 14.58 13.61 -13.99
N TRP A 278 13.46 13.05 -14.42
CA TRP A 278 12.44 12.53 -13.51
C TRP A 278 13.00 11.39 -12.66
N VAL A 279 12.84 11.53 -11.35
CA VAL A 279 13.04 10.42 -10.44
C VAL A 279 11.71 10.21 -9.73
N GLY A 280 11.00 9.15 -10.09
CA GLY A 280 9.66 8.89 -9.58
C GLY A 280 9.58 7.93 -8.42
N SER A 281 8.65 8.21 -7.50
CA SER A 281 8.42 7.35 -6.34
C SER A 281 7.65 6.09 -6.72
N ASP A 282 7.20 5.34 -5.70
CA ASP A 282 6.52 4.06 -5.94
C ASP A 282 5.11 4.24 -6.51
N SER A 283 4.61 5.48 -6.44
CA SER A 283 3.34 5.86 -7.05
C SER A 283 3.44 5.82 -8.57
N TRP A 284 4.65 6.02 -9.09
CA TRP A 284 4.92 5.94 -10.51
C TRP A 284 5.20 4.50 -10.92
N GLY A 285 6.32 3.96 -10.43
CA GLY A 285 6.71 2.59 -10.69
C GLY A 285 6.87 2.24 -12.15
N SER A 286 6.43 1.04 -12.53
CA SER A 286 6.48 0.60 -13.92
C SER A 286 5.11 0.71 -14.58
N LYS A 287 4.48 1.87 -14.41
CA LYS A 287 3.14 2.12 -14.94
C LYS A 287 3.16 2.90 -16.26
N ILE A 288 2.56 2.31 -17.29
CA ILE A 288 2.55 2.90 -18.63
C ILE A 288 1.34 3.80 -18.86
N ASN A 289 0.42 3.81 -17.89
CA ASN A 289 -0.79 4.63 -18.00
C ASN A 289 -0.52 6.15 -17.96
N PRO A 290 0.36 6.63 -17.07
CA PRO A 290 0.79 8.03 -17.11
C PRO A 290 1.82 8.29 -18.21
N LEU A 291 2.02 7.31 -19.08
CA LEU A 291 3.05 7.37 -20.12
C LEU A 291 2.46 7.37 -21.54
N HIS A 292 1.13 7.28 -21.64
CA HIS A 292 0.44 7.33 -22.93
C HIS A 292 0.62 8.71 -23.56
N GLN A 293 1.08 8.73 -24.81
CA GLN A 293 1.37 9.96 -25.56
C GLN A 293 2.54 10.76 -24.96
N HIS A 294 2.86 10.48 -23.70
CA HIS A 294 3.91 11.20 -22.98
C HIS A 294 5.23 10.45 -23.01
N GLU A 295 5.44 9.67 -24.07
CA GLU A 295 6.58 8.76 -24.20
C GLU A 295 7.92 9.48 -24.34
N ASP A 296 7.93 10.57 -25.09
CA ASP A 296 9.14 11.33 -25.40
C ASP A 296 9.71 12.12 -24.22
N ILE A 297 8.85 12.79 -23.46
CA ILE A 297 9.28 13.58 -22.30
C ILE A 297 9.68 12.67 -21.16
N ALA A 298 8.91 11.60 -20.99
CA ALA A 298 9.12 10.68 -19.87
C ALA A 298 10.34 9.79 -20.06
N GLU A 299 10.82 9.70 -21.30
CA GLU A 299 12.01 8.91 -21.64
C GLU A 299 13.11 9.04 -20.60
N GLY A 300 13.54 7.92 -20.06
CA GLY A 300 14.68 7.87 -19.15
C GLY A 300 14.37 8.14 -17.70
N ALA A 301 13.09 8.34 -17.37
CA ALA A 301 12.65 8.57 -15.99
C ALA A 301 13.01 7.39 -15.09
N ILE A 302 13.47 7.70 -13.88
CA ILE A 302 13.80 6.65 -12.91
C ILE A 302 12.67 6.46 -11.91
N THR A 303 12.26 5.20 -11.71
CA THR A 303 11.21 4.85 -10.76
C THR A 303 11.58 3.67 -9.88
N ILE A 304 11.09 3.72 -8.65
CA ILE A 304 11.34 2.68 -7.64
C ILE A 304 10.01 1.99 -7.34
N GLN A 305 9.90 0.74 -7.79
CA GLN A 305 8.74 -0.09 -7.45
C GLN A 305 9.17 -1.15 -6.44
N PRO A 306 8.43 -1.25 -5.34
CA PRO A 306 8.67 -2.31 -4.35
C PRO A 306 8.65 -3.68 -5.00
N LYS A 307 9.52 -4.58 -4.54
CA LYS A 307 9.53 -5.94 -5.04
C LYS A 307 8.17 -6.55 -4.77
N ARG A 308 7.38 -6.63 -5.85
CA ARG A 308 6.03 -7.17 -5.80
C ARG A 308 5.81 -8.13 -6.94
N ALA A 309 4.92 -9.09 -6.74
CA ALA A 309 4.45 -9.98 -7.80
C ALA A 309 2.95 -10.20 -7.63
N THR A 310 2.28 -10.63 -8.69
CA THR A 310 0.82 -10.84 -8.66
C THR A 310 0.49 -12.25 -8.21
N VAL A 311 -0.44 -12.35 -7.27
CA VAL A 311 -0.91 -13.63 -6.75
C VAL A 311 -1.78 -14.35 -7.78
N GLU A 312 -1.29 -15.50 -8.24
CA GLU A 312 -1.93 -16.25 -9.32
C GLU A 312 -3.30 -16.82 -8.95
N GLY A 313 -3.42 -17.34 -7.73
CA GLY A 313 -4.66 -17.93 -7.28
C GLY A 313 -5.79 -16.93 -7.13
N PHE A 314 -5.45 -15.73 -6.64
CA PHE A 314 -6.44 -14.71 -6.31
C PHE A 314 -7.13 -14.06 -7.51
N ASP A 315 -6.48 -14.11 -8.67
CA ASP A 315 -7.06 -13.54 -9.88
C ASP A 315 -8.33 -14.28 -10.31
N ALA A 316 -8.26 -15.61 -10.24
CA ALA A 316 -9.37 -16.49 -10.62
C ALA A 316 -10.49 -16.44 -9.59
N TYR A 317 -10.16 -15.94 -8.40
CA TYR A 317 -11.12 -15.80 -7.33
C TYR A 317 -12.02 -14.59 -7.53
N PHE A 318 -11.45 -13.38 -7.45
CA PHE A 318 -12.24 -12.15 -7.48
C PHE A 318 -13.25 -12.09 -8.65
N THR A 319 -12.80 -12.52 -9.82
CA THR A 319 -13.61 -12.52 -11.03
C THR A 319 -14.76 -13.53 -10.95
N SER A 320 -14.55 -14.56 -10.14
CA SER A 320 -15.53 -15.63 -9.92
C SER A 320 -16.79 -15.13 -9.21
N ARG A 321 -16.62 -14.11 -8.37
CA ARG A 321 -17.66 -13.67 -7.45
C ARG A 321 -18.94 -13.19 -8.12
N THR A 322 -20.04 -13.86 -7.81
CA THR A 322 -21.36 -13.45 -8.27
C THR A 322 -22.13 -12.83 -7.11
N LEU A 323 -23.35 -12.37 -7.35
CA LEU A 323 -24.18 -11.83 -6.29
C LEU A 323 -24.88 -12.96 -5.52
N GLU A 324 -25.16 -14.07 -6.21
CA GLU A 324 -25.87 -15.21 -5.60
C GLU A 324 -24.96 -16.04 -4.69
N ASN A 325 -23.71 -16.23 -5.11
CA ASN A 325 -22.76 -17.03 -4.34
C ASN A 325 -22.05 -16.23 -3.25
N ASN A 326 -21.53 -15.06 -3.63
CA ASN A 326 -20.76 -14.19 -2.74
C ASN A 326 -21.60 -13.27 -1.83
N ARG A 327 -22.34 -13.88 -0.90
CA ARG A 327 -23.07 -13.14 0.13
C ARG A 327 -22.10 -12.63 1.19
N ARG A 328 -21.11 -13.45 1.54
CA ARG A 328 -20.02 -13.10 2.45
C ARG A 328 -19.76 -11.60 2.49
N ASN A 329 -19.54 -11.02 1.32
CA ASN A 329 -19.19 -9.61 1.17
C ASN A 329 -20.40 -8.70 1.25
N VAL A 330 -20.60 -8.10 2.42
CA VAL A 330 -21.78 -7.30 2.72
C VAL A 330 -21.82 -5.97 1.94
N TRP A 331 -20.83 -5.75 1.10
CA TRP A 331 -20.79 -4.55 0.28
C TRP A 331 -20.94 -4.85 -1.22
N PHE A 332 -21.00 -6.13 -1.57
CA PHE A 332 -20.92 -6.58 -2.96
C PHE A 332 -22.09 -6.21 -3.86
N ALA A 333 -23.29 -6.08 -3.30
CA ALA A 333 -24.43 -5.59 -4.07
C ALA A 333 -24.25 -4.12 -4.43
N GLU A 334 -23.70 -3.36 -3.48
CA GLU A 334 -23.34 -1.94 -3.66
C GLU A 334 -22.26 -1.81 -4.72
N TYR A 335 -21.21 -2.63 -4.61
CA TYR A 335 -20.13 -2.69 -5.59
C TYR A 335 -20.62 -3.05 -6.99
N TRP A 336 -21.50 -4.05 -7.05
CA TRP A 336 -22.05 -4.54 -8.31
C TRP A 336 -22.82 -3.46 -9.09
N GLU A 337 -23.55 -2.63 -8.36
CA GLU A 337 -24.32 -1.55 -8.96
C GLU A 337 -23.42 -0.44 -9.50
N GLU A 338 -22.20 -0.36 -8.96
CA GLU A 338 -21.22 0.63 -9.42
C GLU A 338 -20.27 0.11 -10.51
N ASN A 339 -19.72 -1.09 -10.32
CA ASN A 339 -18.77 -1.70 -11.28
C ASN A 339 -19.32 -1.78 -12.70
N PHE A 340 -20.63 -1.99 -12.81
CA PHE A 340 -21.29 -2.15 -14.10
C PHE A 340 -22.22 -0.98 -14.44
N ASN A 341 -22.39 -0.07 -13.49
CA ASN A 341 -23.32 1.07 -13.59
C ASN A 341 -24.76 0.62 -13.88
N CYS A 342 -25.46 0.24 -12.82
CA CYS A 342 -26.80 -0.34 -12.93
C CYS A 342 -27.55 -0.38 -11.59
N LYS A 343 -28.77 -0.93 -11.63
CA LYS A 343 -29.63 -1.06 -10.45
C LYS A 343 -30.30 -2.43 -10.38
N LYS A 357 -31.08 -1.26 -15.03
CA LYS A 357 -31.42 -2.60 -14.52
C LYS A 357 -30.20 -3.52 -14.54
N CYS A 358 -30.04 -4.29 -13.46
CA CYS A 358 -28.90 -5.18 -13.30
C CYS A 358 -29.32 -6.62 -12.94
N THR A 359 -29.64 -7.41 -13.97
CA THR A 359 -29.94 -8.83 -13.77
C THR A 359 -28.99 -9.69 -14.59
N GLY A 360 -28.05 -10.32 -13.88
CA GLY A 360 -27.02 -11.13 -14.50
C GLY A 360 -25.80 -11.15 -13.60
N GLN A 361 -25.24 -12.34 -13.40
CA GLN A 361 -24.11 -12.54 -12.48
C GLN A 361 -22.80 -12.77 -13.22
N GLU A 362 -22.90 -13.24 -14.47
CA GLU A 362 -21.74 -13.48 -15.35
C GLU A 362 -21.06 -12.18 -15.77
N ARG A 363 -21.50 -11.07 -15.19
CA ARG A 363 -21.19 -9.74 -15.70
C ARG A 363 -19.72 -9.30 -15.61
N ILE A 364 -18.95 -9.82 -14.63
CA ILE A 364 -17.55 -9.39 -14.42
C ILE A 364 -16.66 -9.57 -15.67
N GLY A 365 -17.18 -10.29 -16.66
CA GLY A 365 -16.56 -10.40 -17.98
C GLY A 365 -16.37 -9.03 -18.64
N LYS A 366 -17.29 -8.11 -18.34
CA LYS A 366 -17.15 -6.70 -18.73
C LYS A 366 -16.08 -5.99 -17.88
N ASP A 367 -14.83 -6.19 -18.26
CA ASP A 367 -13.69 -5.50 -17.65
C ASP A 367 -12.69 -5.04 -18.72
N SER A 368 -13.17 -4.99 -19.97
CA SER A 368 -12.35 -4.60 -21.12
C SER A 368 -11.85 -3.14 -21.05
N ASN A 369 -12.38 -2.40 -20.09
CA ASN A 369 -11.88 -1.06 -19.78
C ASN A 369 -11.22 -0.99 -18.40
N TYR A 370 -11.53 -1.96 -17.54
CA TYR A 370 -11.01 -1.99 -16.16
C TYR A 370 -10.33 -3.32 -15.79
N GLU A 371 -9.06 -3.24 -15.37
CA GLU A 371 -8.27 -4.41 -15.02
C GLU A 371 -8.27 -4.72 -13.51
N GLN A 372 -7.21 -5.38 -13.04
CA GLN A 372 -7.10 -5.82 -11.65
C GLN A 372 -6.80 -4.68 -10.66
N GLU A 373 -5.95 -4.97 -9.67
CA GLU A 373 -5.48 -4.01 -8.67
C GLU A 373 -4.16 -4.49 -8.04
N GLY A 374 -3.18 -3.59 -7.99
CA GLY A 374 -1.90 -3.89 -7.37
C GLY A 374 -1.97 -3.84 -5.85
N LYS A 375 -0.86 -4.20 -5.21
CA LYS A 375 -0.74 -4.21 -3.74
C LYS A 375 -1.65 -5.24 -3.04
N VAL A 376 -2.28 -6.12 -3.82
CA VAL A 376 -3.07 -7.22 -3.25
C VAL A 376 -2.14 -8.21 -2.57
N GLN A 377 -0.96 -8.40 -3.16
CA GLN A 377 0.10 -9.21 -2.58
C GLN A 377 0.36 -8.84 -1.11
N PHE A 378 0.37 -7.54 -0.83
CA PHE A 378 0.65 -7.03 0.52
C PHE A 378 -0.45 -7.37 1.53
N VAL A 379 -1.70 -7.00 1.22
CA VAL A 379 -2.86 -7.36 2.06
C VAL A 379 -2.81 -8.83 2.50
N ILE A 380 -2.85 -9.74 1.53
CA ILE A 380 -2.76 -11.16 1.81
C ILE A 380 -1.59 -11.45 2.75
N ASP A 381 -0.40 -10.97 2.38
CA ASP A 381 0.82 -11.21 3.16
C ASP A 381 0.63 -10.76 4.60
N ALA A 382 -0.05 -9.65 4.81
CA ALA A 382 -0.29 -9.15 6.16
C ALA A 382 -1.16 -10.16 6.89
N VAL A 383 -2.17 -10.67 6.20
CA VAL A 383 -3.04 -11.69 6.78
C VAL A 383 -2.22 -12.95 7.13
N TYR A 384 -1.29 -13.32 6.25
CA TYR A 384 -0.39 -14.45 6.53
C TYR A 384 0.54 -14.13 7.69
N ALA A 385 1.03 -12.89 7.75
CA ALA A 385 1.95 -12.48 8.81
C ALA A 385 1.29 -12.67 10.17
N MET A 386 -0.03 -12.47 10.20
CA MET A 386 -0.83 -12.69 11.39
C MET A 386 -1.03 -14.18 11.67
N ALA A 387 -1.31 -14.95 10.61
CA ALA A 387 -1.65 -16.36 10.75
C ALA A 387 -0.44 -17.20 11.11
N HIS A 388 0.72 -16.77 10.62
CA HIS A 388 1.99 -17.44 10.91
C HIS A 388 2.39 -17.16 12.35
N ALA A 389 2.17 -15.93 12.80
CA ALA A 389 2.47 -15.53 14.19
C ALA A 389 1.59 -16.28 15.19
N LEU A 390 0.30 -16.42 14.86
CA LEU A 390 -0.65 -17.13 15.72
C LEU A 390 -0.31 -18.61 15.85
N HIS A 391 0.05 -19.22 14.71
CA HIS A 391 0.42 -20.63 14.65
C HIS A 391 1.72 -20.90 15.43
N HIS A 392 2.62 -19.91 15.41
CA HIS A 392 3.88 -19.98 16.13
C HIS A 392 3.61 -19.82 17.61
N MET A 393 2.59 -19.03 17.93
CA MET A 393 2.19 -18.83 19.31
C MET A 393 1.50 -20.05 19.88
N ASN A 394 0.86 -20.82 19.00
CA ASN A 394 0.12 -22.02 19.41
C ASN A 394 0.99 -23.21 19.80
N LYS A 395 1.92 -23.60 18.93
CA LYS A 395 2.80 -24.74 19.21
C LYS A 395 3.68 -24.49 20.43
N ASP A 396 3.73 -23.22 20.86
CA ASP A 396 4.61 -22.78 21.94
C ASP A 396 3.91 -22.72 23.29
N LEU A 397 2.61 -22.49 23.28
CA LEU A 397 1.86 -22.29 24.52
C LEU A 397 0.85 -23.41 24.80
N CYS A 398 0.36 -24.05 23.73
CA CYS A 398 -0.63 -25.11 23.87
C CYS A 398 0.00 -26.50 23.94
N TYR A 401 -2.55 -29.97 25.24
CA TYR A 401 -3.76 -29.38 24.65
C TYR A 401 -3.88 -29.66 23.15
N ARG A 402 -5.05 -29.33 22.60
CA ARG A 402 -5.38 -29.61 21.21
C ARG A 402 -5.38 -28.34 20.36
N GLY A 403 -6.20 -27.36 20.76
CA GLY A 403 -6.30 -26.11 20.02
C GLY A 403 -6.92 -24.95 20.79
N VAL A 404 -6.39 -23.75 20.56
CA VAL A 404 -6.82 -22.51 21.23
C VAL A 404 -6.93 -22.59 22.76
N CYS A 405 -5.79 -22.83 23.42
CA CYS A 405 -5.71 -23.05 24.87
C CYS A 405 -5.97 -21.77 25.67
N PRO A 406 -6.48 -21.93 26.90
CA PRO A 406 -6.68 -20.80 27.81
C PRO A 406 -5.37 -20.10 28.20
N GLU A 407 -4.25 -20.83 28.11
CA GLU A 407 -2.92 -20.32 28.45
C GLU A 407 -2.44 -19.23 27.49
N MET A 408 -3.06 -19.17 26.31
CA MET A 408 -2.78 -18.18 25.29
C MET A 408 -3.96 -17.22 25.15
N GLU A 409 -5.15 -17.78 25.34
CA GLU A 409 -6.46 -17.11 25.15
C GLU A 409 -6.58 -15.67 25.64
N GLN A 410 -5.61 -15.23 26.46
CA GLN A 410 -5.69 -13.96 27.19
C GLN A 410 -5.91 -12.68 26.38
N ALA A 411 -5.90 -12.79 25.05
CA ALA A 411 -5.98 -11.62 24.17
C ALA A 411 -4.89 -10.61 24.52
N GLY A 412 -3.75 -11.15 24.97
CA GLY A 412 -2.54 -10.39 25.20
C GLY A 412 -1.72 -10.42 23.93
N GLY A 413 -1.86 -9.36 23.14
CA GLY A 413 -1.11 -9.23 21.91
C GLY A 413 0.28 -8.72 22.17
N LYS A 414 0.63 -8.57 23.44
CA LYS A 414 1.99 -8.21 23.83
C LYS A 414 2.95 -9.33 23.46
N LYS A 415 2.53 -10.58 23.68
CA LYS A 415 3.33 -11.74 23.28
C LYS A 415 3.16 -12.01 21.80
N LEU A 416 1.96 -11.78 21.26
CA LEU A 416 1.72 -11.97 19.84
C LEU A 416 2.49 -10.96 19.00
N LEU A 417 2.64 -9.74 19.51
CA LEU A 417 3.46 -8.71 18.89
C LEU A 417 4.90 -9.19 18.82
N LYS A 418 5.36 -9.86 19.89
CA LYS A 418 6.71 -10.42 19.92
C LYS A 418 6.85 -11.58 18.95
N TYR A 419 5.71 -12.07 18.43
CA TYR A 419 5.71 -13.13 17.43
C TYR A 419 5.59 -12.59 16.01
N ILE A 420 4.68 -11.64 15.80
CA ILE A 420 4.50 -10.99 14.51
C ILE A 420 5.83 -10.41 14.04
N ARG A 421 6.58 -9.84 14.97
CA ARG A 421 7.86 -9.22 14.65
C ARG A 421 8.93 -10.22 14.26
N HIS A 422 8.90 -11.40 14.89
CA HIS A 422 9.90 -12.44 14.63
C HIS A 422 9.42 -13.44 13.57
N VAL A 423 8.47 -12.98 12.76
CA VAL A 423 7.90 -13.77 11.68
C VAL A 423 8.64 -13.52 10.36
N ASN A 424 9.12 -14.61 9.75
CA ASN A 424 9.96 -14.51 8.56
C ASN A 424 9.75 -15.70 7.63
N PHE A 425 8.78 -15.57 6.72
CA PHE A 425 8.41 -16.63 5.81
C PHE A 425 8.22 -16.15 4.36
N ASN A 426 8.08 -17.10 3.44
CA ASN A 426 7.71 -16.84 2.05
C ASN A 426 6.28 -16.31 1.96
N GLY A 427 6.10 -15.17 1.30
CA GLY A 427 4.81 -14.55 1.14
C GLY A 427 3.99 -15.09 -0.01
N SER A 428 2.85 -14.44 -0.27
CA SER A 428 1.87 -14.87 -1.27
C SER A 428 2.36 -14.81 -2.73
N ALA A 429 3.58 -14.32 -2.92
CA ALA A 429 4.15 -14.15 -4.26
C ALA A 429 5.62 -14.58 -4.32
N GLY A 430 6.06 -15.32 -3.30
CA GLY A 430 7.45 -15.79 -3.22
C GLY A 430 8.42 -14.67 -2.84
N THR A 431 7.90 -13.63 -2.20
CA THR A 431 8.70 -12.50 -1.74
C THR A 431 8.70 -12.54 -0.21
N PRO A 432 9.88 -12.73 0.39
CA PRO A 432 10.01 -12.79 1.86
C PRO A 432 9.24 -11.73 2.64
N VAL A 433 8.66 -12.13 3.77
CA VAL A 433 7.89 -11.24 4.63
C VAL A 433 8.51 -11.18 6.02
N MET A 434 9.01 -10.01 6.40
CA MET A 434 9.60 -9.82 7.73
C MET A 434 9.47 -8.37 8.20
N PHE A 435 9.96 -8.11 9.42
CA PHE A 435 9.93 -6.77 10.00
C PHE A 435 11.23 -6.46 10.70
N ASN A 436 11.60 -5.19 10.75
CA ASN A 436 12.72 -4.74 11.58
C ASN A 436 12.21 -4.46 12.99
N LYS A 437 13.09 -3.96 13.87
CA LYS A 437 12.73 -3.69 15.26
C LYS A 437 11.71 -2.55 15.41
N ASN A 438 11.55 -1.76 14.34
CA ASN A 438 10.59 -0.67 14.33
C ASN A 438 9.28 -1.10 13.72
N GLY A 439 9.25 -2.30 13.15
CA GLY A 439 8.02 -2.87 12.66
C GLY A 439 7.69 -2.62 11.21
N ASP A 440 8.57 -1.89 10.51
CA ASP A 440 8.47 -1.70 9.08
C ASP A 440 9.13 -2.88 8.36
N ALA A 441 8.50 -3.36 7.29
CA ALA A 441 9.11 -4.39 6.45
C ALA A 441 10.33 -3.79 5.75
N PRO A 442 11.44 -4.55 5.66
CA PRO A 442 12.63 -4.05 4.97
C PRO A 442 12.31 -3.72 3.51
N GLY A 443 12.86 -2.62 3.02
CA GLY A 443 12.54 -2.12 1.70
C GLY A 443 13.38 -2.76 0.61
N ARG A 444 12.77 -3.70 -0.11
CA ARG A 444 13.39 -4.28 -1.30
C ARG A 444 12.67 -3.77 -2.55
N TYR A 445 13.43 -3.14 -3.44
CA TYR A 445 12.88 -2.41 -4.57
C TYR A 445 13.38 -2.88 -5.93
N ASP A 446 12.75 -2.36 -6.97
CA ASP A 446 13.15 -2.60 -8.35
C ASP A 446 13.20 -1.26 -9.08
N ILE A 447 14.40 -0.71 -9.23
CA ILE A 447 14.60 0.56 -9.92
C ILE A 447 14.44 0.39 -11.43
N PHE A 448 13.46 1.07 -12.00
CA PHE A 448 13.19 1.02 -13.44
C PHE A 448 13.56 2.32 -14.15
N GLN A 449 13.78 2.24 -15.47
CA GLN A 449 14.00 3.43 -16.30
C GLN A 449 13.34 3.27 -17.68
N TYR A 450 12.53 4.26 -18.05
CA TYR A 450 11.80 4.21 -19.32
C TYR A 450 12.70 4.49 -20.53
N GLN A 451 12.58 3.65 -21.56
CA GLN A 451 13.38 3.79 -22.78
C GLN A 451 12.54 3.59 -24.06
N THR A 452 12.94 4.29 -25.13
CA THR A 452 12.15 4.33 -26.37
C THR A 452 12.95 4.03 -27.64
N THR A 453 14.26 4.29 -27.58
CA THR A 453 15.16 4.17 -28.74
C THR A 453 14.97 2.92 -29.62
N ASN A 454 15.42 1.76 -29.13
CA ASN A 454 15.30 0.50 -29.88
C ASN A 454 13.95 -0.21 -29.67
N THR A 455 13.51 -0.96 -30.67
CA THR A 455 12.33 -1.83 -30.53
C THR A 455 12.64 -3.04 -29.64
N THR A 456 13.88 -3.10 -29.16
CA THR A 456 14.31 -4.06 -28.15
C THR A 456 14.21 -3.44 -26.76
N ASN A 457 13.83 -2.16 -26.70
CA ASN A 457 13.77 -1.44 -25.43
C ASN A 457 12.51 -0.59 -25.09
N PRO A 458 11.40 -0.72 -25.81
CA PRO A 458 10.24 0.16 -25.57
C PRO A 458 9.49 -0.20 -24.28
N GLY A 459 9.70 0.61 -23.24
CA GLY A 459 9.10 0.37 -21.94
C GLY A 459 10.09 0.50 -20.80
N TYR A 460 9.66 0.07 -19.62
CA TYR A 460 10.49 0.14 -18.40
C TYR A 460 11.56 -0.94 -18.34
N ARG A 461 12.81 -0.52 -18.24
CA ARG A 461 13.93 -1.45 -18.10
C ARG A 461 14.39 -1.50 -16.65
N LEU A 462 14.81 -2.68 -16.20
CA LEU A 462 15.26 -2.88 -14.82
C LEU A 462 16.69 -2.40 -14.64
N ILE A 463 16.81 -1.15 -14.21
CA ILE A 463 18.10 -0.47 -14.04
C ILE A 463 18.85 -1.03 -12.84
N GLY A 464 18.10 -1.39 -11.80
CA GLY A 464 18.70 -1.99 -10.61
C GLY A 464 17.70 -2.35 -9.53
N GLN A 465 18.23 -2.65 -8.35
CA GLN A 465 17.44 -3.01 -7.18
C GLN A 465 17.94 -2.28 -5.94
N TRP A 466 17.07 -2.20 -4.93
CA TRP A 466 17.45 -1.64 -3.64
C TRP A 466 17.01 -2.55 -2.49
N THR A 467 17.83 -3.56 -2.19
CA THR A 467 17.59 -4.45 -1.05
C THR A 467 17.86 -3.71 0.27
N ASP A 468 18.95 -2.96 0.28
CA ASP A 468 19.35 -2.04 1.34
C ASP A 468 20.66 -1.42 0.89
N GLU A 469 21.45 -2.21 0.18
CA GLU A 469 22.57 -1.72 -0.60
C GLU A 469 22.06 -1.37 -1.98
N LEU A 470 22.58 -0.29 -2.55
CA LEU A 470 22.13 0.20 -3.86
C LEU A 470 22.78 -0.52 -5.05
N GLN A 471 21.95 -1.15 -5.86
CA GLN A 471 22.39 -1.75 -7.12
C GLN A 471 21.83 -0.94 -8.28
N LEU A 472 22.72 -0.47 -9.15
CA LEU A 472 22.37 0.44 -10.24
C LEU A 472 23.34 0.29 -11.40
N ASN A 473 22.80 -0.10 -12.56
CA ASN A 473 23.60 -0.30 -13.77
C ASN A 473 23.53 0.93 -14.68
N ILE A 474 24.69 1.42 -15.13
CA ILE A 474 24.76 2.71 -15.85
C ILE A 474 24.99 2.54 -17.36
N GLU A 475 25.35 1.35 -17.80
CA GLU A 475 25.43 1.06 -19.23
C GLU A 475 24.05 0.68 -19.77
N ASP A 476 23.23 0.09 -18.89
CA ASP A 476 21.85 -0.28 -19.22
C ASP A 476 20.94 0.95 -19.26
N MET A 477 21.43 2.07 -18.74
CA MET A 477 20.67 3.31 -18.72
C MET A 477 20.78 4.09 -20.03
N GLN A 478 19.71 4.80 -20.37
CA GLN A 478 19.60 5.53 -21.63
C GLN A 478 18.47 6.55 -21.51
N TRP A 479 18.78 7.80 -21.81
CA TRP A 479 17.85 8.92 -21.59
C TRP A 479 17.18 9.39 -22.88
O1 MES B . -7.18 4.59 -0.22
C2 MES B . -7.29 5.12 1.07
C3 MES B . -5.95 5.74 1.47
N4 MES B . -4.88 5.33 0.52
C5 MES B . -5.19 5.78 -0.86
C6 MES B . -6.67 5.52 -1.15
C7 MES B . -3.53 5.83 0.94
C8 MES B . -3.44 7.32 1.30
S MES B . -1.97 7.84 2.23
O1S MES B . -1.34 8.93 1.48
O2S MES B . -1.01 6.74 2.39
O3S MES B . -2.36 8.35 3.54
#